data_7D7L
#
_entry.id   7D7L
#
_cell.length_a   117.560
_cell.length_b   117.560
_cell.length_c   257.300
_cell.angle_alpha   90.000
_cell.angle_beta   90.000
_cell.angle_gamma   120.000
#
_symmetry.space_group_name_H-M   'P 65 2 2'
#
loop_
_entity.id
_entity.type
_entity.pdbx_description
1 polymer 'Non-structural protein 3'
2 non-polymer 'ZINC ION'
3 non-polymer CAFFEINE
4 non-polymer 1-(2-methoxyethyl)-2-methyl-3-(pyrazin-2-ylmethyl)benzo[f]benzimidazol-3-ium-4,9-dione
5 non-polymer 'SULFATE ION'
6 non-polymer GLYCEROL
7 water water
#
_entity_poly.entity_id   1
_entity_poly.type   'polypeptide(L)'
_entity_poly.pdbx_seq_one_letter_code
;TIKVFTTVDNINLHTQVVDMSMTYGQQFGPTYLDGADVTKIKPHNSHEGKTFYVLPNDDTLRVEAFEYYHTTDPSFLGRY
MSALNHTKKWKYPQVNGLTSIKWADNNSYLATALLTLQQIELKFNPPALQDAYYRARAGEAANFCALILAYCNKTVGELG
DVRETMSYLFQHANLDSCKRVLNVVCKTCGQQQTTLKGVEAVMYMGTLSYEQFKKGVQIPCTCGKQATKYLVQQESPFVM
MSAPPAQYELKHGTFTCASEYTGNYQCGHYKHITSKETLYCIDGALLTKSSEYKGPITDVFYKENSYTTTIK
;
_entity_poly.pdbx_strand_id   A,B
#
# COMPACT_ATOMS: atom_id res chain seq x y z
N THR A 1 31.17 30.63 22.92
CA THR A 1 30.12 29.92 23.66
C THR A 1 28.84 30.71 23.85
N ILE A 2 27.70 30.11 23.49
CA ILE A 2 26.40 30.67 23.83
C ILE A 2 25.56 29.58 24.47
N LYS A 3 24.46 30.00 25.09
CA LYS A 3 23.51 29.07 25.70
C LYS A 3 22.25 29.08 24.85
N VAL A 4 21.73 27.89 24.58
CA VAL A 4 20.51 27.74 23.81
C VAL A 4 19.68 26.64 24.45
N PHE A 5 18.50 26.41 23.87
CA PHE A 5 17.65 25.27 24.20
C PHE A 5 17.51 24.38 22.97
N THR A 6 17.56 23.07 23.17
CA THR A 6 17.22 22.15 22.09
C THR A 6 15.94 21.42 22.49
N THR A 7 15.26 20.87 21.50
CA THR A 7 13.97 20.25 21.74
C THR A 7 13.59 19.39 20.54
N VAL A 8 12.68 18.43 20.77
CA VAL A 8 12.01 17.72 19.69
C VAL A 8 10.52 17.99 19.66
N ASP A 9 9.96 18.63 20.69
CA ASP A 9 8.53 18.86 20.76
C ASP A 9 8.13 20.30 21.06
N ASN A 10 9.08 21.20 21.34
CA ASN A 10 8.83 22.57 21.83
C ASN A 10 8.02 22.61 23.11
N ILE A 11 8.05 21.52 23.87
CA ILE A 11 7.43 21.42 25.18
C ILE A 11 8.48 21.21 26.26
N ASN A 12 9.32 20.19 26.06
CA ASN A 12 10.46 19.90 26.92
C ASN A 12 11.69 20.51 26.29
N LEU A 13 12.25 21.51 26.96
CA LEU A 13 13.42 22.20 26.44
C LEU A 13 14.66 21.74 27.21
N HIS A 14 15.79 21.66 26.52
CA HIS A 14 17.02 21.17 27.13
C HIS A 14 18.14 22.21 26.97
N THR A 15 18.69 22.65 28.09
CA THR A 15 19.79 23.61 28.05
C THR A 15 20.97 23.00 27.30
N GLN A 16 21.63 23.83 26.50
CA GLN A 16 22.83 23.42 25.79
C GLN A 16 23.81 24.57 25.78
N VAL A 17 25.08 24.27 25.97
CA VAL A 17 26.16 25.22 25.74
C VAL A 17 26.77 24.92 24.38
N VAL A 18 26.75 25.90 23.50
CA VAL A 18 27.15 25.77 22.11
C VAL A 18 28.54 26.35 21.95
N ASP A 19 29.40 25.61 21.26
CA ASP A 19 30.72 26.08 20.86
C ASP A 19 30.63 26.79 19.50
N MET A 20 31.16 28.03 19.44
CA MET A 20 30.97 28.90 18.28
C MET A 20 31.82 28.51 17.07
N SER A 21 32.73 27.55 17.18
CA SER A 21 33.62 27.21 16.07
C SER A 21 33.08 26.09 15.18
N MET A 22 32.31 25.15 15.73
CA MET A 22 31.69 24.10 14.95
C MET A 22 30.33 24.55 14.44
N THR A 23 29.87 23.91 13.37
CA THR A 23 28.49 24.15 12.94
C THR A 23 27.53 23.45 13.90
N TYR A 24 26.25 23.80 13.77
CA TYR A 24 25.23 23.14 14.59
C TYR A 24 25.20 21.64 14.31
N GLY A 25 25.41 21.24 13.05
CA GLY A 25 25.37 19.82 12.73
C GLY A 25 26.46 19.02 13.44
N GLN A 26 27.67 19.58 13.52
CA GLN A 26 28.79 18.83 14.06
C GLN A 26 28.58 18.48 15.51
N GLN A 27 27.89 19.34 16.27
CA GLN A 27 27.72 19.13 17.70
C GLN A 27 26.34 18.63 18.10
N PHE A 28 25.29 18.87 17.30
CA PHE A 28 23.96 18.42 17.65
C PHE A 28 23.34 17.45 16.67
N GLY A 29 23.86 17.35 15.45
CA GLY A 29 23.17 16.68 14.38
C GLY A 29 22.36 17.68 13.60
N PRO A 30 21.50 17.21 12.69
CA PRO A 30 20.63 18.13 11.96
C PRO A 30 19.78 18.98 12.91
N THR A 31 19.76 20.29 12.65
CA THR A 31 19.20 21.28 13.56
C THR A 31 18.34 22.27 12.79
N TYR A 32 17.23 22.68 13.39
CA TYR A 32 16.30 23.61 12.78
C TYR A 32 16.06 24.78 13.72
N LEU A 33 16.04 25.99 13.16
CA LEU A 33 15.70 27.19 13.91
C LEU A 33 14.50 27.84 13.24
N ASP A 34 13.35 27.79 13.93
CA ASP A 34 12.09 28.33 13.41
C ASP A 34 11.70 27.71 12.07
N GLY A 35 12.00 26.42 11.92
CA GLY A 35 11.75 25.70 10.68
C GLY A 35 12.88 25.74 9.67
N ALA A 36 13.75 26.75 9.72
CA ALA A 36 14.87 26.84 8.79
C ALA A 36 15.96 25.86 9.19
N ASP A 37 16.50 25.15 8.20
CA ASP A 37 17.57 24.20 8.48
C ASP A 37 18.88 24.93 8.74
N VAL A 38 19.48 24.73 9.90
CA VAL A 38 20.70 25.41 10.29
C VAL A 38 21.85 24.45 10.51
N THR A 39 21.70 23.20 10.07
CA THR A 39 22.73 22.19 10.29
C THR A 39 24.11 22.67 9.85
N LYS A 40 24.16 23.37 8.73
CA LYS A 40 25.41 23.68 8.05
C LYS A 40 26.02 25.01 8.49
N ILE A 41 25.42 25.66 9.48
CA ILE A 41 25.68 27.07 9.77
C ILE A 41 26.44 27.18 11.08
N LYS A 42 27.36 28.15 11.14
CA LYS A 42 28.06 28.44 12.38
C LYS A 42 27.17 29.27 13.31
N PRO A 43 27.31 29.07 14.62
CA PRO A 43 26.45 29.79 15.57
C PRO A 43 26.62 31.30 15.51
N HIS A 44 25.50 32.00 15.67
CA HIS A 44 25.45 33.45 15.78
C HIS A 44 25.23 33.88 17.22
N ASN A 45 25.83 35.02 17.58
CA ASN A 45 25.62 35.57 18.93
C ASN A 45 24.15 35.89 19.16
N SER A 46 23.45 36.34 18.12
CA SER A 46 22.03 36.61 18.27
C SER A 46 21.20 35.35 18.46
N HIS A 47 21.81 34.16 18.38
CA HIS A 47 21.07 32.93 18.63
C HIS A 47 20.90 32.63 20.11
N GLU A 48 21.65 33.33 20.96
CA GLU A 48 21.64 33.03 22.38
C GLU A 48 20.23 33.06 22.93
N GLY A 49 19.88 32.03 23.71
CA GLY A 49 18.58 31.95 24.31
C GLY A 49 17.49 31.38 23.42
N LYS A 50 17.76 31.13 22.15
CA LYS A 50 16.71 30.63 21.28
C LYS A 50 16.56 29.11 21.39
N THR A 51 15.44 28.62 20.87
CA THR A 51 15.09 27.21 20.89
C THR A 51 15.31 26.61 19.51
N PHE A 52 16.10 25.54 19.45
CA PHE A 52 16.41 24.79 18.24
C PHE A 52 15.78 23.41 18.29
N TYR A 53 15.22 22.97 17.16
CA TYR A 53 14.82 21.58 17.02
C TYR A 53 16.02 20.75 16.57
N VAL A 54 16.12 19.55 17.13
CA VAL A 54 17.12 18.56 16.76
C VAL A 54 16.38 17.24 16.58
N LEU A 55 17.07 16.29 15.99
CA LEU A 55 16.57 14.94 15.80
C LEU A 55 16.65 14.16 17.10
N PRO A 56 15.72 13.24 17.31
CA PRO A 56 15.73 12.47 18.56
C PRO A 56 16.87 11.46 18.56
N ASN A 57 18.04 11.88 19.07
CA ASN A 57 19.28 11.13 18.95
C ASN A 57 19.74 10.50 20.27
N ASP A 58 18.97 10.63 21.35
CA ASP A 58 19.22 9.88 22.57
C ASP A 58 17.88 9.47 23.17
N ASP A 59 17.93 8.75 24.30
CA ASP A 59 16.73 8.07 24.78
C ASP A 59 15.72 9.06 25.39
N THR A 60 16.21 10.12 26.03
CA THR A 60 15.31 11.15 26.52
C THR A 60 14.53 11.80 25.38
N LEU A 61 15.22 12.13 24.29
CA LEU A 61 14.55 12.75 23.16
C LEU A 61 13.64 11.77 22.44
N ARG A 62 14.09 10.52 22.29
CA ARG A 62 13.25 9.51 21.66
C ARG A 62 11.93 9.33 22.41
N VAL A 63 11.99 9.28 23.74
CA VAL A 63 10.76 9.08 24.50
C VAL A 63 9.89 10.33 24.39
N GLU A 64 10.49 11.52 24.40
CA GLU A 64 9.68 12.73 24.29
C GLU A 64 9.00 12.81 22.91
N ALA A 65 9.73 12.50 21.84
CA ALA A 65 9.13 12.46 20.51
C ALA A 65 8.02 11.43 20.44
N PHE A 66 8.24 10.25 21.01
CA PHE A 66 7.22 9.21 21.03
C PHE A 66 5.96 9.69 21.72
N GLU A 67 6.13 10.31 22.89
CA GLU A 67 4.95 10.78 23.62
C GLU A 67 4.23 11.93 22.92
N TYR A 68 4.95 12.77 22.18
CA TYR A 68 4.27 13.90 21.54
C TYR A 68 3.68 13.54 20.19
N TYR A 69 4.38 12.76 19.38
CA TYR A 69 3.94 12.44 18.03
C TYR A 69 3.37 11.03 17.89
N HIS A 70 3.56 10.17 18.90
CA HIS A 70 3.11 8.76 18.85
C HIS A 70 3.73 8.01 17.66
N THR A 71 4.97 8.33 17.34
CA THR A 71 5.69 7.50 16.39
C THR A 71 7.12 7.31 16.86
N THR A 72 7.72 6.21 16.41
CA THR A 72 9.13 5.92 16.68
C THR A 72 9.99 6.01 15.43
N ASP A 73 9.40 6.42 14.30
CA ASP A 73 10.11 6.62 13.05
C ASP A 73 11.13 7.75 13.16
N PRO A 74 12.43 7.44 13.08
CA PRO A 74 13.45 8.49 13.26
C PRO A 74 13.36 9.61 12.26
N SER A 75 12.91 9.33 11.04
CA SER A 75 12.79 10.33 9.99
C SER A 75 11.61 11.28 10.19
N PHE A 76 10.74 11.02 11.19
CA PHE A 76 9.48 11.76 11.30
C PHE A 76 9.70 13.26 11.35
N LEU A 77 10.50 13.71 12.32
CA LEU A 77 10.62 15.15 12.54
C LEU A 77 11.14 15.87 11.31
N GLY A 78 12.11 15.25 10.63
CA GLY A 78 12.67 15.89 9.45
C GLY A 78 11.66 15.98 8.32
N ARG A 79 10.87 14.92 8.13
CA ARG A 79 9.84 14.98 7.08
C ARG A 79 8.78 16.01 7.43
N TYR A 80 8.44 16.13 8.72
CA TYR A 80 7.48 17.14 9.17
C TYR A 80 8.00 18.54 8.89
N MET A 81 9.27 18.79 9.21
CA MET A 81 9.87 20.12 8.98
C MET A 81 9.95 20.45 7.50
N SER A 82 10.36 19.47 6.68
CA SER A 82 10.38 19.71 5.25
C SER A 82 9.00 20.10 4.76
N ALA A 83 7.96 19.40 5.23
CA ALA A 83 6.61 19.72 4.78
C ALA A 83 6.18 21.09 5.27
N LEU A 84 6.48 21.39 6.53
CA LEU A 84 6.01 22.61 7.17
C LEU A 84 6.57 23.84 6.49
N ASN A 85 7.82 23.74 6.01
CA ASN A 85 8.37 24.83 5.21
C ASN A 85 7.43 25.23 4.08
N HIS A 86 6.82 24.25 3.40
CA HIS A 86 5.91 24.59 2.31
C HIS A 86 4.52 24.95 2.83
N THR A 87 4.00 24.21 3.82
CA THR A 87 2.60 24.43 4.17
C THR A 87 2.39 25.75 4.88
N LYS A 88 3.43 26.29 5.53
CA LYS A 88 3.29 27.63 6.10
C LYS A 88 3.00 28.70 5.03
N LYS A 89 3.35 28.42 3.78
CA LYS A 89 3.13 29.37 2.70
C LYS A 89 1.80 29.14 1.98
N TRP A 90 1.09 28.03 2.27
CA TRP A 90 -0.22 27.88 1.67
C TRP A 90 -1.17 28.90 2.28
N LYS A 91 -2.33 29.08 1.64
CA LYS A 91 -3.41 29.92 2.17
C LYS A 91 -4.58 29.05 2.60
N TYR A 92 -5.20 29.42 3.74
CA TYR A 92 -6.30 28.67 4.33
C TYR A 92 -7.56 29.54 4.41
N PRO A 93 -8.26 29.76 3.30
CA PRO A 93 -9.47 30.59 3.36
C PRO A 93 -10.59 29.88 4.08
N GLN A 94 -11.44 30.67 4.71
CA GLN A 94 -12.70 30.16 5.25
C GLN A 94 -13.68 30.08 4.08
N VAL A 95 -14.27 28.92 3.87
CA VAL A 95 -15.17 28.69 2.75
C VAL A 95 -16.40 28.00 3.27
N ASN A 96 -17.55 28.66 3.17
CA ASN A 96 -18.80 28.10 3.67
C ASN A 96 -18.68 27.69 5.13
N GLY A 97 -17.89 28.42 5.89
CA GLY A 97 -17.81 28.18 7.31
C GLY A 97 -16.71 27.22 7.75
N LEU A 98 -15.94 26.65 6.83
CA LEU A 98 -14.94 25.63 7.12
C LEU A 98 -13.57 26.12 6.67
N THR A 99 -12.52 25.61 7.29
CA THR A 99 -11.18 25.94 6.85
C THR A 99 -10.85 25.12 5.61
N SER A 100 -10.55 25.79 4.50
CA SER A 100 -10.17 25.08 3.29
C SER A 100 -8.71 25.33 2.99
N ILE A 101 -8.27 24.92 1.81
CA ILE A 101 -6.91 25.21 1.38
C ILE A 101 -6.94 25.66 -0.06
N LYS A 102 -6.35 26.84 -0.32
CA LYS A 102 -6.17 27.31 -1.69
C LYS A 102 -5.23 26.38 -2.44
N TRP A 103 -5.54 26.10 -3.71
CA TRP A 103 -4.82 25.07 -4.42
C TRP A 103 -3.34 25.40 -4.48
N ALA A 104 -2.50 24.41 -4.27
CA ALA A 104 -1.06 24.56 -4.42
C ALA A 104 -0.47 23.17 -4.32
N ASP A 105 0.60 22.90 -5.07
CA ASP A 105 1.36 21.65 -4.90
C ASP A 105 0.47 20.41 -4.88
N ASN A 106 -0.51 20.35 -5.79
CA ASN A 106 -1.38 19.18 -5.90
C ASN A 106 -2.04 18.82 -4.56
N ASN A 107 -2.46 19.83 -3.79
CA ASN A 107 -2.93 19.60 -2.43
C ASN A 107 -4.46 19.40 -2.31
N SER A 108 -5.16 19.15 -3.42
CA SER A 108 -6.61 19.09 -3.31
C SER A 108 -7.06 17.92 -2.46
N TYR A 109 -6.30 16.82 -2.45
CA TYR A 109 -6.73 15.73 -1.58
C TYR A 109 -6.60 16.12 -0.11
N LEU A 110 -5.64 16.98 0.24
CA LEU A 110 -5.55 17.46 1.61
C LEU A 110 -6.68 18.43 1.93
N ALA A 111 -7.05 19.28 0.99
CA ALA A 111 -8.16 20.19 1.25
C ALA A 111 -9.42 19.40 1.53
N THR A 112 -9.69 18.38 0.71
CA THR A 112 -10.89 17.57 0.91
C THR A 112 -10.84 16.85 2.25
N ALA A 113 -9.69 16.28 2.59
CA ALA A 113 -9.58 15.61 3.89
C ALA A 113 -9.85 16.57 5.04
N LEU A 114 -9.22 17.78 5.00
CA LEU A 114 -9.39 18.76 6.07
C LEU A 114 -10.85 19.19 6.22
N LEU A 115 -11.51 19.39 5.07
CA LEU A 115 -12.90 19.81 5.11
C LEU A 115 -13.75 18.70 5.72
N THR A 116 -13.44 17.45 5.35
CA THR A 116 -14.20 16.32 5.88
C THR A 116 -14.02 16.24 7.38
N LEU A 117 -12.77 16.39 7.84
CA LEU A 117 -12.50 16.24 9.27
C LEU A 117 -13.27 17.26 10.08
N GLN A 118 -13.53 18.45 9.52
CA GLN A 118 -14.31 19.42 10.31
C GLN A 118 -15.78 19.12 10.37
N GLN A 119 -16.27 18.07 9.70
CA GLN A 119 -17.69 17.78 9.68
C GLN A 119 -18.02 16.44 10.32
N ILE A 120 -17.05 15.70 10.81
CA ILE A 120 -17.32 14.46 11.54
C ILE A 120 -16.69 14.58 12.91
N GLU A 121 -17.26 13.83 13.85
CA GLU A 121 -16.81 13.88 15.24
C GLU A 121 -15.63 12.93 15.44
N LEU A 122 -14.48 13.48 15.81
CA LEU A 122 -13.22 12.77 15.80
C LEU A 122 -12.29 13.45 16.80
N LYS A 123 -11.46 12.65 17.47
CA LYS A 123 -10.48 13.12 18.41
C LYS A 123 -9.16 12.39 18.14
N PHE A 124 -8.09 13.13 17.84
CA PHE A 124 -6.80 12.50 17.61
C PHE A 124 -6.08 12.21 18.93
N ASN A 125 -5.32 11.12 18.94
CA ASN A 125 -4.61 10.72 20.15
C ASN A 125 -3.26 11.39 20.36
N PRO A 126 -2.39 11.54 19.36
CA PRO A 126 -1.08 12.17 19.61
C PRO A 126 -1.27 13.64 19.96
N PRO A 127 -0.68 14.12 21.06
CA PRO A 127 -0.86 15.55 21.41
C PRO A 127 -0.53 16.51 20.28
N ALA A 128 0.56 16.27 19.55
CA ALA A 128 0.90 17.15 18.45
C ALA A 128 -0.22 17.23 17.44
N LEU A 129 -0.77 16.07 17.08
CA LEU A 129 -1.78 16.03 16.02
C LEU A 129 -3.07 16.70 16.48
N GLN A 130 -3.43 16.51 17.73
CA GLN A 130 -4.73 17.03 18.16
C GLN A 130 -4.63 18.54 18.39
N ASP A 131 -3.48 18.99 18.89
CA ASP A 131 -3.21 20.41 19.02
C ASP A 131 -3.25 21.10 17.64
N ALA A 132 -2.49 20.56 16.67
CA ALA A 132 -2.51 21.12 15.33
C ALA A 132 -3.91 21.08 14.72
N TYR A 133 -4.70 20.06 15.06
CA TYR A 133 -6.04 19.95 14.52
C TYR A 133 -6.92 21.08 15.00
N TYR A 134 -6.85 21.41 16.30
CA TYR A 134 -7.69 22.48 16.80
C TYR A 134 -7.25 23.83 16.23
N ARG A 135 -5.95 24.02 16.04
CA ARG A 135 -5.55 25.25 15.36
C ARG A 135 -6.05 25.28 13.92
N ALA A 136 -6.04 24.12 13.24
CA ALA A 136 -6.54 24.07 11.86
C ALA A 136 -8.02 24.38 11.81
N ARG A 137 -8.77 23.88 12.79
CA ARG A 137 -10.20 24.19 12.84
C ARG A 137 -10.40 25.68 12.98
N ALA A 138 -9.56 26.35 13.78
CA ALA A 138 -9.68 27.79 13.92
C ALA A 138 -9.14 28.56 12.72
N GLY A 139 -8.45 27.92 11.79
CA GLY A 139 -8.01 28.56 10.57
C GLY A 139 -6.52 28.55 10.36
N GLU A 140 -5.72 28.11 11.33
CA GLU A 140 -4.26 28.09 11.17
C GLU A 140 -3.84 26.64 10.91
N ALA A 141 -3.94 26.24 9.66
CA ALA A 141 -3.90 24.81 9.37
C ALA A 141 -2.53 24.34 8.90
N ALA A 142 -1.53 25.21 8.88
CA ALA A 142 -0.23 24.82 8.32
C ALA A 142 0.38 23.61 9.05
N ASN A 143 0.40 23.65 10.38
CA ASN A 143 1.01 22.56 11.13
C ASN A 143 0.23 21.25 10.94
N PHE A 144 -1.10 21.32 10.97
CA PHE A 144 -1.92 20.14 10.77
C PHE A 144 -1.62 19.48 9.43
N CYS A 145 -1.49 20.28 8.36
CA CYS A 145 -1.25 19.70 7.03
C CYS A 145 0.14 19.11 6.96
N ALA A 146 1.13 19.77 7.55
CA ALA A 146 2.47 19.20 7.55
C ALA A 146 2.51 17.88 8.31
N LEU A 147 1.79 17.81 9.42
CA LEU A 147 1.75 16.58 10.18
C LEU A 147 1.01 15.48 9.41
N ILE A 148 -0.09 15.82 8.75
CA ILE A 148 -0.79 14.83 7.94
C ILE A 148 0.15 14.23 6.92
N LEU A 149 0.89 15.08 6.21
CA LEU A 149 1.86 14.56 5.24
C LEU A 149 2.88 13.66 5.92
N ALA A 150 3.42 14.10 7.05
CA ALA A 150 4.44 13.30 7.72
C ALA A 150 3.90 11.94 8.15
N TYR A 151 2.68 11.91 8.72
CA TYR A 151 2.11 10.63 9.16
C TYR A 151 1.78 9.72 7.99
N CYS A 152 1.39 10.28 6.86
CA CYS A 152 1.07 9.50 5.67
C CYS A 152 2.28 9.18 4.81
N ASN A 153 3.48 9.62 5.20
CA ASN A 153 4.68 9.38 4.40
C ASN A 153 4.58 9.98 3.01
N LYS A 154 3.99 11.16 2.92
CA LYS A 154 3.83 11.87 1.67
C LYS A 154 4.64 13.14 1.75
N THR A 155 5.11 13.62 0.60
CA THR A 155 5.81 14.88 0.52
C THR A 155 4.95 15.88 -0.22
N VAL A 156 5.20 17.16 0.06
CA VAL A 156 4.56 18.25 -0.67
C VAL A 156 4.74 18.03 -2.16
N GLY A 157 3.63 18.14 -2.90
CA GLY A 157 3.65 18.03 -4.34
C GLY A 157 3.21 16.68 -4.87
N GLU A 158 3.37 15.61 -4.09
CA GLU A 158 2.88 14.29 -4.49
C GLU A 158 1.36 14.26 -4.58
N LEU A 159 0.84 13.54 -5.57
CA LEU A 159 -0.59 13.31 -5.64
C LEU A 159 -0.98 12.35 -4.52
N GLY A 160 -2.17 12.57 -3.95
CA GLY A 160 -2.61 11.78 -2.82
C GLY A 160 -3.98 11.17 -3.05
N ASP A 161 -4.29 10.19 -2.20
CA ASP A 161 -5.58 9.52 -2.21
C ASP A 161 -6.29 9.84 -0.89
N VAL A 162 -7.52 10.32 -0.96
CA VAL A 162 -8.23 10.70 0.28
C VAL A 162 -8.51 9.47 1.15
N ARG A 163 -8.98 8.37 0.55
CA ARG A 163 -9.30 7.19 1.37
C ARG A 163 -8.06 6.71 2.14
N GLU A 164 -6.91 6.70 1.49
CA GLU A 164 -5.68 6.28 2.16
C GLU A 164 -5.27 7.28 3.25
N THR A 165 -5.39 8.58 2.96
CA THR A 165 -5.13 9.61 3.97
C THR A 165 -6.03 9.42 5.19
N MET A 166 -7.33 9.26 4.95
CA MET A 166 -8.24 9.07 6.07
C MET A 166 -7.85 7.83 6.86
N SER A 167 -7.45 6.77 6.17
CA SER A 167 -7.13 5.54 6.90
C SER A 167 -5.94 5.75 7.83
N TYR A 168 -4.88 6.41 7.34
CA TYR A 168 -3.76 6.75 8.21
C TYR A 168 -4.18 7.63 9.38
N LEU A 169 -4.98 8.65 9.12
CA LEU A 169 -5.40 9.55 10.20
C LEU A 169 -6.27 8.81 11.21
N PHE A 170 -7.21 7.99 10.74
CA PHE A 170 -8.09 7.27 11.65
C PHE A 170 -7.28 6.32 12.52
N GLN A 171 -6.16 5.79 12.01
CA GLN A 171 -5.30 4.96 12.85
C GLN A 171 -4.84 5.72 14.09
N HIS A 172 -4.78 7.05 13.98
CA HIS A 172 -4.30 7.88 15.08
C HIS A 172 -5.42 8.55 15.85
N ALA A 173 -6.65 8.10 15.66
CA ALA A 173 -7.81 8.70 16.28
C ALA A 173 -8.37 7.74 17.31
N ASN A 174 -9.19 8.25 18.23
CA ASN A 174 -9.74 7.36 19.25
C ASN A 174 -11.07 6.79 18.75
N LEU A 175 -10.99 5.71 18.00
CA LEU A 175 -12.16 5.03 17.50
C LEU A 175 -12.37 3.67 18.19
N ASP A 176 -11.82 3.49 19.39
CA ASP A 176 -11.74 2.15 19.98
C ASP A 176 -13.11 1.62 20.39
N SER A 177 -14.02 2.51 20.76
CA SER A 177 -15.42 2.17 21.00
C SER A 177 -16.26 1.95 19.72
N CYS A 178 -15.73 2.11 18.50
CA CYS A 178 -16.55 1.93 17.30
C CYS A 178 -16.72 0.46 16.97
N LYS A 179 -17.95 0.05 16.68
CA LYS A 179 -18.26 -1.36 16.49
C LYS A 179 -19.16 -1.52 15.27
N ARG A 180 -18.91 -2.57 14.52
CA ARG A 180 -19.71 -2.89 13.34
C ARG A 180 -19.94 -4.39 13.33
N VAL A 181 -21.18 -4.82 13.12
CA VAL A 181 -21.52 -6.23 13.01
C VAL A 181 -22.14 -6.41 11.63
N LEU A 182 -21.56 -7.32 10.85
CA LEU A 182 -22.00 -7.66 9.49
C LEU A 182 -22.47 -9.10 9.44
N ASN A 183 -23.37 -9.39 8.50
CA ASN A 183 -23.86 -10.73 8.23
C ASN A 183 -23.70 -11.02 6.75
N VAL A 184 -23.16 -12.19 6.42
CA VAL A 184 -23.07 -12.70 5.06
C VAL A 184 -23.94 -13.94 4.97
N VAL A 185 -24.82 -13.95 3.99
CA VAL A 185 -25.80 -14.96 3.76
C VAL A 185 -25.72 -15.63 2.40
N CYS A 186 -25.44 -16.91 2.40
CA CYS A 186 -25.38 -17.72 1.19
C CYS A 186 -26.44 -18.79 1.24
N LYS A 187 -27.14 -19.00 0.15
CA LYS A 187 -28.16 -20.04 0.09
C LYS A 187 -27.65 -21.42 0.42
N THR A 188 -26.41 -21.70 0.12
CA THR A 188 -25.79 -22.98 0.42
C THR A 188 -25.05 -22.96 1.76
N CYS A 189 -24.13 -22.03 1.96
CA CYS A 189 -23.27 -22.08 3.15
C CYS A 189 -23.99 -21.61 4.41
N GLY A 190 -25.12 -20.92 4.29
CA GLY A 190 -25.74 -20.38 5.49
C GLY A 190 -25.32 -18.95 5.83
N GLN A 191 -25.24 -18.66 7.11
CA GLN A 191 -25.03 -17.32 7.61
C GLN A 191 -23.75 -17.27 8.42
N GLN A 192 -23.09 -16.11 8.36
CA GLN A 192 -21.87 -15.89 9.10
C GLN A 192 -21.85 -14.43 9.51
N GLN A 193 -21.82 -14.17 10.83
CA GLN A 193 -21.59 -12.85 11.39
C GLN A 193 -20.11 -12.57 11.59
N THR A 194 -19.74 -11.31 11.40
CA THR A 194 -18.41 -10.79 11.68
C THR A 194 -18.56 -9.52 12.53
N THR A 195 -17.65 -9.34 13.48
CA THR A 195 -17.57 -8.15 14.29
C THR A 195 -16.27 -7.43 13.97
N LEU A 196 -16.36 -6.12 13.76
CA LEU A 196 -15.25 -5.25 13.39
C LEU A 196 -15.18 -4.11 14.39
N LYS A 197 -13.96 -3.71 14.73
CA LYS A 197 -13.70 -2.69 15.75
C LYS A 197 -12.78 -1.62 15.19
N GLY A 198 -12.82 -0.43 15.79
CA GLY A 198 -11.88 0.62 15.39
C GLY A 198 -12.05 1.07 13.94
N VAL A 199 -10.92 1.30 13.27
CA VAL A 199 -10.96 1.88 11.93
C VAL A 199 -11.81 1.01 11.01
N GLU A 200 -11.69 -0.31 11.15
CA GLU A 200 -12.39 -1.21 10.24
C GLU A 200 -13.88 -1.14 10.46
N ALA A 201 -14.31 -0.61 11.60
CA ALA A 201 -15.72 -0.46 11.85
C ALA A 201 -16.31 0.74 11.12
N VAL A 202 -15.50 1.73 10.72
CA VAL A 202 -16.09 2.93 10.16
C VAL A 202 -15.84 3.10 8.68
N MET A 203 -15.02 2.24 8.07
CA MET A 203 -14.62 2.36 6.68
C MET A 203 -15.09 1.13 5.91
N TYR A 204 -15.66 1.37 4.72
CA TYR A 204 -16.09 0.27 3.86
C TYR A 204 -15.76 0.61 2.42
N MET A 205 -15.23 -0.38 1.69
CA MET A 205 -14.88 -0.22 0.27
C MET A 205 -15.79 -1.11 -0.57
N GLY A 206 -16.50 -0.52 -1.51
CA GLY A 206 -17.26 -1.32 -2.44
C GLY A 206 -18.54 -0.65 -2.88
N THR A 207 -19.14 0.13 -2.00
CA THR A 207 -20.35 0.84 -2.35
C THR A 207 -20.38 2.17 -1.60
N LEU A 208 -20.92 3.18 -2.26
CA LEU A 208 -21.02 4.51 -1.70
C LEU A 208 -22.24 4.68 -0.84
N SER A 209 -23.23 3.81 -1.00
CA SER A 209 -24.57 4.05 -0.45
C SER A 209 -24.70 3.38 0.91
N TYR A 210 -24.88 4.18 1.96
CA TYR A 210 -25.10 3.59 3.29
C TYR A 210 -26.39 2.77 3.31
N GLU A 211 -27.46 3.31 2.71
CA GLU A 211 -28.74 2.62 2.61
C GLU A 211 -28.60 1.24 1.95
N GLN A 212 -27.87 1.17 0.84
CA GLN A 212 -27.69 -0.12 0.19
C GLN A 212 -26.96 -1.09 1.11
N PHE A 213 -25.94 -0.60 1.80
CA PHE A 213 -25.22 -1.40 2.78
C PHE A 213 -26.18 -1.99 3.82
N LYS A 214 -27.15 -1.20 4.26
CA LYS A 214 -28.13 -1.70 5.24
C LYS A 214 -29.08 -2.72 4.62
N LYS A 215 -29.46 -2.53 3.35
CA LYS A 215 -30.38 -3.47 2.71
C LYS A 215 -29.69 -4.75 2.28
N GLY A 216 -28.42 -4.67 1.88
CA GLY A 216 -27.65 -5.82 1.47
C GLY A 216 -26.95 -5.57 0.14
N VAL A 217 -25.69 -5.97 0.04
CA VAL A 217 -24.95 -5.90 -1.20
C VAL A 217 -24.52 -7.31 -1.61
N GLN A 218 -24.47 -7.55 -2.91
CA GLN A 218 -24.09 -8.85 -3.44
C GLN A 218 -22.57 -8.98 -3.44
N ILE A 219 -22.06 -10.06 -2.86
CA ILE A 219 -20.63 -10.34 -2.87
C ILE A 219 -20.43 -11.80 -3.22
N PRO A 220 -19.25 -12.22 -3.67
CA PRO A 220 -19.07 -13.61 -4.06
C PRO A 220 -19.00 -14.56 -2.86
N CYS A 221 -19.41 -15.81 -3.09
CA CYS A 221 -19.12 -16.90 -2.16
C CYS A 221 -18.27 -17.97 -2.84
N THR A 222 -17.43 -18.60 -2.02
CA THR A 222 -16.57 -19.69 -2.46
C THR A 222 -17.36 -20.85 -3.03
N CYS A 223 -18.61 -21.05 -2.57
CA CYS A 223 -19.43 -22.14 -3.09
C CYS A 223 -19.89 -21.90 -4.53
N GLY A 224 -19.46 -20.82 -5.17
CA GLY A 224 -19.86 -20.52 -6.52
C GLY A 224 -21.07 -19.62 -6.64
N LYS A 225 -21.86 -19.50 -5.58
CA LYS A 225 -23.01 -18.61 -5.62
C LYS A 225 -22.61 -17.20 -5.16
N GLN A 226 -23.56 -16.28 -5.31
CA GLN A 226 -23.40 -14.92 -4.82
C GLN A 226 -24.13 -14.82 -3.47
N ALA A 227 -23.42 -14.38 -2.45
CA ALA A 227 -23.96 -14.17 -1.12
C ALA A 227 -24.41 -12.72 -0.94
N THR A 228 -25.12 -12.45 0.15
CA THR A 228 -25.57 -11.10 0.49
C THR A 228 -24.92 -10.71 1.81
N LYS A 229 -24.27 -9.55 1.83
CA LYS A 229 -23.69 -8.98 3.04
C LYS A 229 -24.49 -7.75 3.43
N TYR A 230 -24.93 -7.68 4.69
CA TYR A 230 -25.65 -6.50 5.11
C TYR A 230 -25.20 -6.12 6.52
N LEU A 231 -25.45 -4.86 6.85
CA LEU A 231 -25.06 -4.27 8.13
C LEU A 231 -26.06 -4.68 9.22
N VAL A 232 -25.58 -5.37 10.25
CA VAL A 232 -26.45 -5.78 11.37
C VAL A 232 -26.46 -4.74 12.45
N GLN A 233 -25.29 -4.22 12.82
CA GLN A 233 -25.25 -3.24 13.89
C GLN A 233 -24.08 -2.28 13.68
N GLN A 234 -24.30 -1.01 14.05
CA GLN A 234 -23.28 0.03 13.86
C GLN A 234 -23.29 0.96 15.07
N GLU A 235 -22.16 1.07 15.78
CA GLU A 235 -21.93 2.11 16.78
C GLU A 235 -20.69 2.91 16.43
N SER A 236 -20.94 4.15 16.06
CA SER A 236 -19.89 5.06 15.65
C SER A 236 -20.55 6.41 15.41
N PRO A 237 -19.79 7.50 15.52
CA PRO A 237 -20.35 8.83 15.22
C PRO A 237 -20.44 9.17 13.72
N PHE A 238 -19.82 8.36 12.86
CA PHE A 238 -19.91 8.57 11.42
C PHE A 238 -19.54 7.25 10.73
N VAL A 239 -19.86 7.13 9.45
CA VAL A 239 -19.27 6.07 8.65
C VAL A 239 -18.80 6.66 7.33
N MET A 240 -17.84 5.98 6.73
CA MET A 240 -17.23 6.40 5.47
C MET A 240 -17.42 5.27 4.46
N MET A 241 -18.16 5.54 3.38
CA MET A 241 -18.41 4.57 2.34
C MET A 241 -17.57 4.96 1.14
N SER A 242 -16.74 4.06 0.64
CA SER A 242 -15.90 4.34 -0.53
C SER A 242 -16.16 3.35 -1.64
N ALA A 243 -15.74 3.75 -2.85
CA ALA A 243 -15.79 2.90 -4.03
C ALA A 243 -14.95 3.55 -5.13
N PRO A 244 -14.47 2.79 -6.09
CA PRO A 244 -13.72 3.38 -7.21
C PRO A 244 -14.54 4.48 -7.87
N PRO A 245 -13.90 5.58 -8.29
CA PRO A 245 -14.68 6.75 -8.74
C PRO A 245 -15.66 6.34 -9.82
N ALA A 246 -16.87 6.88 -9.73
CA ALA A 246 -17.86 6.54 -10.76
C ALA A 246 -18.99 7.54 -10.67
N GLN A 247 -19.69 7.73 -11.79
CA GLN A 247 -20.73 8.74 -11.87
C GLN A 247 -21.80 8.43 -10.84
N TYR A 248 -22.14 9.42 -10.03
CA TYR A 248 -23.00 9.18 -8.89
C TYR A 248 -23.66 10.48 -8.52
N GLU A 249 -24.90 10.41 -8.06
CA GLU A 249 -25.55 11.64 -7.66
C GLU A 249 -25.91 11.68 -6.19
N LEU A 250 -25.68 12.88 -5.67
CA LEU A 250 -25.75 13.20 -4.26
C LEU A 250 -27.03 14.00 -4.05
N LYS A 251 -27.86 13.54 -3.13
CA LYS A 251 -29.13 14.18 -2.83
C LYS A 251 -29.01 14.96 -1.54
N HIS A 252 -29.47 16.21 -1.56
CA HIS A 252 -29.43 17.03 -0.37
C HIS A 252 -30.13 16.31 0.77
N GLY A 253 -29.57 16.41 1.97
CA GLY A 253 -30.17 15.86 3.17
C GLY A 253 -29.92 14.38 3.41
N THR A 254 -29.20 13.67 2.53
CA THR A 254 -29.05 12.22 2.69
C THR A 254 -27.62 11.80 3.00
N PHE A 255 -26.70 12.73 3.23
CA PHE A 255 -25.31 12.40 3.46
C PHE A 255 -24.71 13.63 4.10
N THR A 256 -23.53 13.48 4.71
CA THR A 256 -22.90 14.65 5.33
C THR A 256 -21.95 15.36 4.35
N CYS A 257 -21.01 14.63 3.75
CA CYS A 257 -20.12 15.23 2.77
C CYS A 257 -19.51 14.11 1.93
N ALA A 258 -18.79 14.50 0.89
CA ALA A 258 -18.34 13.53 -0.10
C ALA A 258 -17.13 14.07 -0.85
N SER A 259 -16.36 13.16 -1.43
CA SER A 259 -15.18 13.50 -2.19
C SER A 259 -15.41 13.09 -3.62
N GLU A 260 -15.15 14.01 -4.56
CA GLU A 260 -15.21 13.76 -5.99
C GLU A 260 -13.79 13.75 -6.55
N TYR A 261 -13.47 12.78 -7.41
CA TYR A 261 -12.14 12.70 -8.01
C TYR A 261 -12.23 12.64 -9.52
N THR A 262 -11.52 13.51 -10.19
CA THR A 262 -11.45 13.55 -11.61
C THR A 262 -10.06 13.31 -12.07
N GLY A 263 -9.81 12.32 -12.88
CA GLY A 263 -8.47 12.06 -13.33
C GLY A 263 -7.97 10.67 -13.06
N ASN A 264 -6.68 10.51 -12.98
CA ASN A 264 -6.07 9.24 -12.64
C ASN A 264 -4.97 9.46 -11.66
N TYR A 265 -4.11 8.48 -11.43
CA TYR A 265 -3.06 8.73 -10.45
C TYR A 265 -1.91 9.52 -10.96
N GLN A 266 -1.76 9.60 -12.26
CA GLN A 266 -0.71 10.41 -12.75
C GLN A 266 -1.12 11.83 -12.61
N CYS A 267 -2.32 12.15 -13.00
CA CYS A 267 -2.83 13.50 -12.85
C CYS A 267 -4.30 13.47 -12.52
N GLY A 268 -4.68 14.25 -11.51
CA GLY A 268 -6.06 14.32 -11.08
C GLY A 268 -6.35 15.48 -10.15
N HIS A 269 -7.59 15.52 -9.68
CA HIS A 269 -8.08 16.52 -8.79
C HIS A 269 -9.33 16.15 -8.00
N TYR A 270 -9.29 16.35 -6.69
CA TYR A 270 -10.46 16.19 -5.82
C TYR A 270 -11.23 17.48 -5.68
N LYS A 271 -12.54 17.36 -5.53
CA LYS A 271 -13.38 18.43 -4.99
C LYS A 271 -14.19 17.86 -3.83
N HIS A 272 -14.75 18.73 -3.01
CA HIS A 272 -15.45 18.34 -1.81
C HIS A 272 -16.91 18.76 -1.96
N ILE A 273 -17.86 17.88 -1.66
CA ILE A 273 -19.26 18.26 -1.71
C ILE A 273 -19.85 18.11 -0.32
N THR A 274 -20.51 19.12 0.14
CA THR A 274 -21.13 19.05 1.42
C THR A 274 -22.60 19.42 1.38
N SER A 275 -23.39 18.83 2.24
CA SER A 275 -24.79 19.10 2.28
C SER A 275 -25.16 19.95 3.48
N LYS A 276 -25.63 21.14 3.22
CA LYS A 276 -26.04 22.04 4.25
C LYS A 276 -27.49 22.31 4.02
N GLU A 277 -27.88 23.58 3.78
CA GLU A 277 -29.27 23.94 3.49
C GLU A 277 -29.58 23.51 2.05
N THR A 278 -28.53 23.52 1.23
CA THR A 278 -28.48 23.11 -0.15
C THR A 278 -27.06 22.49 -0.38
N LEU A 279 -26.75 21.98 -1.55
CA LEU A 279 -25.43 21.43 -1.76
C LEU A 279 -24.34 22.44 -2.12
N TYR A 280 -23.17 22.29 -1.56
CA TYR A 280 -22.03 23.15 -1.87
C TYR A 280 -20.86 22.30 -2.36
N CYS A 281 -20.18 22.80 -3.39
CA CYS A 281 -18.98 22.17 -3.93
C CYS A 281 -17.84 23.14 -3.57
N ILE A 282 -17.06 22.74 -2.57
CA ILE A 282 -15.88 23.48 -2.16
C ILE A 282 -14.70 22.89 -2.91
N ASP A 283 -14.04 23.73 -3.68
CA ASP A 283 -12.95 23.35 -4.55
C ASP A 283 -11.77 24.25 -4.17
N GLY A 284 -11.04 23.87 -3.13
CA GLY A 284 -9.97 24.72 -2.60
C GLY A 284 -10.55 26.03 -2.12
N ALA A 285 -10.14 27.15 -2.74
CA ALA A 285 -10.72 28.45 -2.42
C ALA A 285 -12.05 28.73 -3.13
N LEU A 286 -12.47 27.88 -4.08
CA LEU A 286 -13.64 28.16 -4.92
C LEU A 286 -14.90 27.52 -4.32
N LEU A 287 -16.03 28.19 -4.50
CA LEU A 287 -17.30 27.76 -3.89
C LEU A 287 -18.40 27.79 -4.94
N THR A 288 -19.10 26.67 -5.11
CA THR A 288 -20.26 26.62 -6.02
C THR A 288 -21.47 26.01 -5.29
N LYS A 289 -22.60 26.69 -5.37
CA LYS A 289 -23.83 26.28 -4.71
C LYS A 289 -24.77 25.69 -5.75
N SER A 290 -25.35 24.53 -5.44
CA SER A 290 -26.29 23.89 -6.37
C SER A 290 -27.29 23.04 -5.60
N SER A 291 -28.45 22.81 -6.21
CA SER A 291 -29.45 22.00 -5.54
C SER A 291 -29.30 20.51 -5.87
N GLU A 292 -28.62 20.18 -6.96
CA GLU A 292 -28.32 18.82 -7.36
C GLU A 292 -26.82 18.70 -7.62
N TYR A 293 -26.33 17.47 -7.55
CA TYR A 293 -24.93 17.24 -7.88
C TYR A 293 -24.76 15.83 -8.40
N LYS A 294 -24.06 15.72 -9.52
CA LYS A 294 -23.66 14.45 -10.11
C LYS A 294 -22.19 14.56 -10.48
N GLY A 295 -21.42 13.50 -10.24
CA GLY A 295 -20.00 13.57 -10.51
C GLY A 295 -19.33 12.23 -10.23
N PRO A 296 -18.02 12.11 -10.52
CA PRO A 296 -17.32 10.85 -10.17
C PRO A 296 -17.00 10.77 -8.68
N ILE A 297 -17.98 10.35 -7.90
CA ILE A 297 -17.83 10.33 -6.44
C ILE A 297 -17.00 9.11 -6.07
N THR A 298 -16.17 9.29 -5.06
CA THR A 298 -15.31 8.22 -4.57
C THR A 298 -15.41 7.95 -3.06
N ASP A 299 -15.84 8.92 -2.24
CA ASP A 299 -16.09 8.66 -0.83
C ASP A 299 -17.31 9.45 -0.41
N VAL A 300 -18.16 8.85 0.43
CA VAL A 300 -19.30 9.54 1.00
C VAL A 300 -19.30 9.29 2.51
N PHE A 301 -19.50 10.35 3.29
CA PHE A 301 -19.52 10.29 4.74
C PHE A 301 -20.93 10.53 5.24
N TYR A 302 -21.32 9.76 6.25
CA TYR A 302 -22.65 9.79 6.85
C TYR A 302 -22.54 9.92 8.36
N LYS A 303 -23.42 10.71 8.96
CA LYS A 303 -23.58 10.74 10.40
C LYS A 303 -24.17 9.42 10.87
N GLU A 304 -23.85 9.04 12.09
CA GLU A 304 -24.38 7.85 12.69
C GLU A 304 -24.28 7.97 14.20
N ASN A 305 -25.04 7.20 14.94
CA ASN A 305 -24.87 7.09 16.36
C ASN A 305 -24.97 5.63 16.72
N SER A 306 -26.13 5.06 16.54
CA SER A 306 -26.38 3.71 16.81
C SER A 306 -27.42 3.21 15.85
N TYR A 307 -27.12 2.15 15.16
CA TYR A 307 -28.04 1.51 14.22
C TYR A 307 -28.13 0.02 14.50
N THR A 308 -29.34 -0.52 14.51
CA THR A 308 -29.53 -1.99 14.54
C THR A 308 -30.49 -2.38 13.43
N THR A 309 -30.15 -3.42 12.69
CA THR A 309 -31.00 -3.85 11.59
C THR A 309 -32.40 -4.26 12.10
N THR A 310 -33.36 -4.30 11.19
CA THR A 310 -34.61 -5.02 11.43
C THR A 310 -34.81 -6.15 10.44
N ILE A 311 -33.76 -6.53 9.71
CA ILE A 311 -33.87 -7.72 8.88
C ILE A 311 -33.89 -8.96 9.77
N LYS A 312 -34.76 -9.90 9.44
CA LYS A 312 -34.85 -11.15 10.22
C LYS A 312 -34.09 -12.26 9.50
N THR B 1 -23.48 -21.40 -37.69
CA THR B 1 -23.60 -22.11 -36.41
C THR B 1 -22.46 -23.11 -36.22
N ILE B 2 -21.41 -22.68 -35.51
CA ILE B 2 -20.25 -23.51 -35.23
C ILE B 2 -20.27 -23.93 -33.76
N LYS B 3 -19.66 -25.08 -33.48
CA LYS B 3 -19.55 -25.63 -32.14
C LYS B 3 -18.13 -25.36 -31.63
N VAL B 4 -18.02 -24.70 -30.48
CA VAL B 4 -16.75 -24.26 -29.93
C VAL B 4 -16.66 -24.64 -28.46
N PHE B 5 -15.53 -24.29 -27.84
CA PHE B 5 -15.21 -24.62 -26.46
C PHE B 5 -14.99 -23.35 -25.66
N THR B 6 -15.59 -23.27 -24.48
CA THR B 6 -15.34 -22.16 -23.57
C THR B 6 -14.84 -22.69 -22.23
N THR B 7 -14.13 -21.83 -21.50
CA THR B 7 -13.55 -22.24 -20.23
C THR B 7 -13.13 -21.01 -19.43
N VAL B 8 -12.86 -21.24 -18.15
CA VAL B 8 -12.27 -20.22 -17.30
C VAL B 8 -10.87 -20.59 -16.82
N ASP B 9 -10.49 -21.87 -16.84
CA ASP B 9 -9.20 -22.31 -16.32
C ASP B 9 -8.35 -23.02 -17.35
N ASN B 10 -8.81 -23.12 -18.61
CA ASN B 10 -8.20 -23.93 -19.65
C ASN B 10 -8.19 -25.42 -19.32
N ILE B 11 -8.63 -25.79 -18.12
CA ILE B 11 -8.66 -27.20 -17.75
C ILE B 11 -10.03 -27.81 -18.02
N ASN B 12 -11.11 -27.09 -17.71
CA ASN B 12 -12.47 -27.62 -17.84
C ASN B 12 -13.11 -27.02 -19.08
N LEU B 13 -13.38 -27.86 -20.07
CA LEU B 13 -13.91 -27.42 -21.35
C LEU B 13 -15.42 -27.56 -21.36
N HIS B 14 -16.09 -26.57 -21.95
CA HIS B 14 -17.54 -26.55 -22.04
C HIS B 14 -17.92 -26.37 -23.50
N THR B 15 -18.64 -27.36 -24.04
CA THR B 15 -19.12 -27.30 -25.41
C THR B 15 -20.25 -26.28 -25.54
N GLN B 16 -20.22 -25.49 -26.62
CA GLN B 16 -21.22 -24.45 -26.83
C GLN B 16 -21.71 -24.49 -28.28
N VAL B 17 -22.65 -23.57 -28.59
CA VAL B 17 -23.15 -23.34 -29.94
C VAL B 17 -23.36 -21.84 -30.08
N VAL B 18 -23.28 -21.32 -31.31
CA VAL B 18 -23.59 -19.91 -31.53
C VAL B 18 -24.06 -19.71 -32.97
N ASP B 19 -25.08 -18.88 -33.13
CA ASP B 19 -25.39 -18.32 -34.44
C ASP B 19 -24.30 -17.32 -34.81
N MET B 20 -23.72 -17.48 -35.99
CA MET B 20 -22.59 -16.66 -36.38
C MET B 20 -22.92 -15.14 -36.52
N SER B 21 -24.12 -14.66 -36.17
CA SER B 21 -24.43 -13.23 -36.20
C SER B 21 -24.55 -12.62 -34.82
N MET B 22 -24.99 -13.37 -33.81
CA MET B 22 -24.99 -12.88 -32.44
C MET B 22 -23.54 -12.75 -31.98
N THR B 23 -23.10 -11.51 -31.73
CA THR B 23 -21.69 -11.24 -31.46
C THR B 23 -21.22 -11.98 -30.21
N TYR B 24 -19.93 -12.34 -30.20
CA TYR B 24 -19.38 -13.18 -29.13
C TYR B 24 -19.76 -12.65 -27.76
N GLY B 25 -19.76 -11.33 -27.58
CA GLY B 25 -20.19 -10.70 -26.36
C GLY B 25 -21.68 -10.62 -26.15
N GLN B 26 -22.49 -11.02 -27.12
CA GLN B 26 -23.93 -11.03 -26.94
C GLN B 26 -24.45 -12.30 -26.28
N GLN B 27 -23.68 -13.41 -26.30
CA GLN B 27 -24.13 -14.66 -25.73
C GLN B 27 -23.14 -15.29 -24.75
N PHE B 28 -22.02 -14.63 -24.45
CA PHE B 28 -21.02 -15.20 -23.56
C PHE B 28 -20.53 -14.26 -22.48
N GLY B 29 -20.89 -12.98 -22.54
CA GLY B 29 -20.12 -11.97 -21.86
C GLY B 29 -18.85 -11.74 -22.64
N PRO B 30 -17.94 -10.93 -22.12
CA PRO B 30 -16.66 -10.73 -22.80
C PRO B 30 -15.91 -12.05 -22.95
N THR B 31 -15.39 -12.27 -24.14
CA THR B 31 -14.70 -13.51 -24.49
C THR B 31 -13.28 -13.16 -24.94
N TYR B 32 -12.40 -14.16 -24.88
CA TYR B 32 -11.02 -14.00 -25.28
C TYR B 32 -10.57 -15.24 -26.03
N LEU B 33 -9.61 -15.05 -26.92
CA LEU B 33 -9.02 -16.15 -27.70
C LEU B 33 -7.52 -15.95 -27.72
N ASP B 34 -6.81 -16.79 -26.96
CA ASP B 34 -5.36 -16.75 -26.85
C ASP B 34 -4.85 -15.37 -26.47
N GLY B 35 -5.51 -14.77 -25.47
CA GLY B 35 -5.17 -13.46 -24.95
C GLY B 35 -5.92 -12.32 -25.62
N ALA B 36 -6.29 -12.49 -26.90
CA ALA B 36 -6.90 -11.42 -27.67
C ALA B 36 -8.37 -11.23 -27.32
N ASP B 37 -8.78 -9.97 -27.17
CA ASP B 37 -10.16 -9.64 -26.85
C ASP B 37 -11.06 -9.94 -28.06
N VAL B 38 -12.17 -10.62 -27.81
CA VAL B 38 -12.95 -11.28 -28.85
C VAL B 38 -14.42 -10.88 -28.74
N THR B 39 -14.77 -10.15 -27.68
CA THR B 39 -16.19 -9.86 -27.42
C THR B 39 -16.81 -9.08 -28.58
N LYS B 40 -16.15 -8.01 -29.02
CA LYS B 40 -16.67 -7.17 -30.11
C LYS B 40 -16.11 -7.64 -31.45
N ILE B 41 -16.40 -8.88 -31.81
CA ILE B 41 -15.98 -9.42 -33.10
C ILE B 41 -17.06 -10.36 -33.63
N LYS B 42 -17.13 -10.47 -34.95
CA LYS B 42 -18.09 -11.33 -35.61
C LYS B 42 -17.70 -12.79 -35.42
N PRO B 43 -18.57 -13.64 -34.83
CA PRO B 43 -18.24 -15.06 -34.66
C PRO B 43 -17.89 -15.76 -35.97
N HIS B 44 -16.68 -15.50 -36.48
CA HIS B 44 -16.26 -16.01 -37.77
C HIS B 44 -16.25 -17.54 -37.80
N ASN B 45 -16.32 -18.09 -39.02
CA ASN B 45 -16.37 -19.53 -39.23
C ASN B 45 -15.00 -20.17 -39.22
N SER B 46 -13.93 -19.39 -39.37
CA SER B 46 -12.58 -19.92 -39.32
C SER B 46 -12.18 -20.38 -37.93
N HIS B 47 -12.92 -19.95 -36.90
CA HIS B 47 -12.67 -20.33 -35.50
C HIS B 47 -13.44 -21.62 -35.16
N GLU B 48 -13.07 -22.70 -35.86
CA GLU B 48 -13.83 -23.95 -35.83
C GLU B 48 -13.80 -24.63 -34.47
N GLY B 49 -12.63 -25.12 -34.06
CA GLY B 49 -12.54 -25.87 -32.83
C GLY B 49 -11.74 -25.20 -31.72
N LYS B 50 -11.51 -23.90 -31.83
CA LYS B 50 -10.71 -23.18 -30.84
C LYS B 50 -11.41 -23.17 -29.47
N THR B 51 -10.63 -22.82 -28.45
CA THR B 51 -11.12 -22.75 -27.08
C THR B 51 -11.01 -21.32 -26.56
N PHE B 52 -12.06 -20.87 -25.87
CA PHE B 52 -12.25 -19.47 -25.56
C PHE B 52 -12.32 -19.29 -24.05
N TYR B 53 -11.90 -18.12 -23.60
CA TYR B 53 -12.03 -17.74 -22.20
C TYR B 53 -13.21 -16.79 -22.09
N VAL B 54 -14.09 -17.05 -21.12
CA VAL B 54 -15.20 -16.16 -20.82
C VAL B 54 -15.13 -15.80 -19.35
N LEU B 55 -15.72 -14.67 -18.98
CA LEU B 55 -15.77 -14.34 -17.58
C LEU B 55 -16.68 -15.35 -16.87
N PRO B 56 -16.42 -15.61 -15.59
CA PRO B 56 -17.30 -16.52 -14.84
C PRO B 56 -18.56 -15.81 -14.34
N ASN B 57 -19.66 -16.04 -15.06
CA ASN B 57 -20.99 -15.59 -14.66
C ASN B 57 -21.83 -16.70 -14.06
N ASP B 58 -21.44 -17.96 -14.28
CA ASP B 58 -22.16 -19.17 -13.89
C ASP B 58 -21.67 -19.66 -12.53
N ASP B 59 -22.56 -20.38 -11.84
CA ASP B 59 -22.22 -20.97 -10.54
C ASP B 59 -21.00 -21.88 -10.65
N THR B 60 -21.08 -22.87 -11.53
CA THR B 60 -19.97 -23.79 -11.70
C THR B 60 -18.75 -23.06 -12.24
N LEU B 61 -18.95 -22.09 -13.14
CA LEU B 61 -17.80 -21.33 -13.63
C LEU B 61 -17.09 -20.61 -12.50
N ARG B 62 -17.84 -19.95 -11.61
CA ARG B 62 -17.17 -19.24 -10.51
C ARG B 62 -16.49 -20.21 -9.57
N VAL B 63 -17.00 -21.44 -9.45
CA VAL B 63 -16.32 -22.35 -8.55
C VAL B 63 -15.06 -22.94 -9.20
N GLU B 64 -15.08 -23.22 -10.50
CA GLU B 64 -13.86 -23.68 -11.16
C GLU B 64 -12.81 -22.58 -11.17
N ALA B 65 -13.23 -21.35 -11.45
CA ALA B 65 -12.32 -20.22 -11.37
C ALA B 65 -11.71 -20.12 -9.99
N PHE B 66 -12.55 -20.19 -8.94
CA PHE B 66 -12.04 -20.07 -7.59
C PHE B 66 -11.04 -21.17 -7.29
N GLU B 67 -11.29 -22.38 -7.80
CA GLU B 67 -10.41 -23.50 -7.51
C GLU B 67 -9.08 -23.38 -8.26
N TYR B 68 -9.09 -22.80 -9.44
CA TYR B 68 -7.86 -22.67 -10.22
C TYR B 68 -7.02 -21.49 -9.74
N TYR B 69 -7.65 -20.34 -9.46
CA TYR B 69 -6.92 -19.12 -9.15
C TYR B 69 -6.93 -18.74 -7.67
N HIS B 70 -7.76 -19.38 -6.84
CA HIS B 70 -7.86 -19.06 -5.41
C HIS B 70 -8.20 -17.58 -5.19
N THR B 71 -9.08 -17.04 -6.02
CA THR B 71 -9.65 -15.72 -5.75
C THR B 71 -11.10 -15.72 -6.21
N THR B 72 -11.93 -14.91 -5.56
CA THR B 72 -13.31 -14.73 -5.98
C THR B 72 -13.55 -13.39 -6.65
N ASP B 73 -12.53 -12.55 -6.73
CA ASP B 73 -12.58 -11.28 -7.44
C ASP B 73 -13.15 -11.46 -8.85
N PRO B 74 -14.30 -10.87 -9.16
CA PRO B 74 -14.87 -11.05 -10.50
C PRO B 74 -14.06 -10.38 -11.59
N SER B 75 -13.32 -9.31 -11.28
CA SER B 75 -12.47 -8.67 -12.29
C SER B 75 -11.19 -9.44 -12.60
N PHE B 76 -10.88 -10.49 -11.85
CA PHE B 76 -9.56 -11.09 -11.93
C PHE B 76 -9.26 -11.60 -13.31
N LEU B 77 -10.14 -12.45 -13.84
CA LEU B 77 -9.83 -13.09 -15.11
C LEU B 77 -9.73 -12.08 -16.25
N GLY B 78 -10.50 -10.99 -16.20
CA GLY B 78 -10.38 -9.97 -17.22
C GLY B 78 -9.05 -9.23 -17.13
N ARG B 79 -8.60 -8.90 -15.91
CA ARG B 79 -7.32 -8.24 -15.75
C ARG B 79 -6.16 -9.15 -16.17
N TYR B 80 -6.30 -10.44 -15.90
CA TYR B 80 -5.30 -11.40 -16.33
C TYR B 80 -5.24 -11.49 -17.86
N MET B 81 -6.39 -11.57 -18.52
CA MET B 81 -6.42 -11.57 -19.98
C MET B 81 -5.80 -10.29 -20.54
N SER B 82 -6.17 -9.16 -19.95
CA SER B 82 -5.66 -7.88 -20.42
C SER B 82 -4.13 -7.82 -20.33
N ALA B 83 -3.55 -8.22 -19.19
CA ALA B 83 -2.10 -8.26 -19.06
C ALA B 83 -1.49 -9.28 -20.00
N LEU B 84 -2.12 -10.45 -20.15
CA LEU B 84 -1.55 -11.49 -20.99
C LEU B 84 -1.43 -11.03 -22.42
N ASN B 85 -2.37 -10.18 -22.84
CA ASN B 85 -2.31 -9.65 -24.20
C ASN B 85 -0.96 -9.01 -24.47
N HIS B 86 -0.39 -8.32 -23.48
CA HIS B 86 0.93 -7.71 -23.64
C HIS B 86 2.08 -8.69 -23.32
N THR B 87 1.95 -9.48 -22.24
CA THR B 87 3.11 -10.31 -21.86
C THR B 87 3.38 -11.40 -22.89
N LYS B 88 2.37 -11.86 -23.62
CA LYS B 88 2.63 -12.84 -24.67
C LYS B 88 3.49 -12.26 -25.79
N LYS B 89 3.64 -10.93 -25.87
CA LYS B 89 4.48 -10.29 -26.88
C LYS B 89 5.88 -9.97 -26.38
N TRP B 90 6.13 -10.11 -25.07
CA TRP B 90 7.46 -9.92 -24.52
C TRP B 90 8.38 -11.06 -24.95
N LYS B 91 9.68 -10.80 -24.84
CA LYS B 91 10.68 -11.83 -25.07
C LYS B 91 11.26 -12.30 -23.75
N TYR B 92 11.52 -13.61 -23.68
CA TYR B 92 11.99 -14.31 -22.49
C TYR B 92 13.32 -15.00 -22.80
N PRO B 93 14.42 -14.25 -22.82
CA PRO B 93 15.73 -14.86 -23.04
C PRO B 93 16.15 -15.73 -21.86
N GLN B 94 16.90 -16.78 -22.18
CA GLN B 94 17.53 -17.63 -21.18
C GLN B 94 18.87 -17.02 -20.79
N VAL B 95 19.08 -16.77 -19.49
CA VAL B 95 20.35 -16.25 -19.01
C VAL B 95 20.90 -17.20 -17.96
N ASN B 96 22.05 -17.80 -18.23
CA ASN B 96 22.63 -18.88 -17.39
C ASN B 96 21.56 -19.85 -16.89
N GLY B 97 20.72 -20.30 -17.83
CA GLY B 97 19.73 -21.32 -17.56
C GLY B 97 18.46 -20.84 -16.85
N LEU B 98 18.39 -19.57 -16.50
CA LEU B 98 17.22 -18.94 -15.89
C LEU B 98 16.42 -18.18 -16.95
N THR B 99 15.11 -18.14 -16.79
CA THR B 99 14.25 -17.36 -17.68
C THR B 99 14.22 -15.92 -17.22
N SER B 100 14.64 -15.00 -18.08
CA SER B 100 14.54 -13.59 -17.80
C SER B 100 13.45 -12.95 -18.71
N ILE B 101 13.40 -11.62 -18.74
CA ILE B 101 12.51 -10.87 -19.63
C ILE B 101 13.29 -9.72 -20.25
N LYS B 102 13.21 -9.61 -21.58
CA LYS B 102 13.76 -8.42 -22.23
C LYS B 102 12.96 -7.20 -21.83
N TRP B 103 13.65 -6.07 -21.64
CA TRP B 103 12.96 -4.89 -21.13
C TRP B 103 11.81 -4.49 -22.06
N ALA B 104 10.68 -4.14 -21.45
CA ALA B 104 9.52 -3.57 -22.12
C ALA B 104 8.56 -3.07 -21.05
N ASP B 105 7.88 -1.95 -21.32
CA ASP B 105 6.74 -1.53 -20.47
C ASP B 105 7.11 -1.45 -18.99
N ASN B 106 8.29 -0.90 -18.69
CA ASN B 106 8.74 -0.74 -17.31
C ASN B 106 8.68 -2.06 -16.52
N ASN B 107 9.06 -3.18 -17.14
CA ASN B 107 8.91 -4.48 -16.51
C ASN B 107 10.17 -4.96 -15.79
N SER B 108 11.11 -4.08 -15.45
CA SER B 108 12.31 -4.56 -14.79
C SER B 108 12.01 -5.16 -13.42
N TYR B 109 11.00 -4.64 -12.70
CA TYR B 109 10.67 -5.24 -11.41
C TYR B 109 10.15 -6.65 -11.59
N LEU B 110 9.45 -6.90 -12.69
CA LEU B 110 8.97 -8.26 -12.91
C LEU B 110 10.09 -9.19 -13.33
N ALA B 111 11.03 -8.71 -14.15
CA ALA B 111 12.17 -9.54 -14.50
C ALA B 111 12.93 -9.95 -13.24
N THR B 112 13.22 -8.99 -12.37
CA THR B 112 13.94 -9.31 -11.14
C THR B 112 13.16 -10.28 -10.28
N ALA B 113 11.83 -10.08 -10.16
CA ALA B 113 11.02 -11.01 -9.35
C ALA B 113 11.04 -12.42 -9.94
N LEU B 114 10.87 -12.52 -11.26
CA LEU B 114 10.85 -13.80 -11.94
C LEU B 114 12.16 -14.54 -11.73
N LEU B 115 13.27 -13.82 -11.90
CA LEU B 115 14.58 -14.40 -11.65
C LEU B 115 14.70 -14.90 -10.20
N THR B 116 14.37 -14.04 -9.23
CA THR B 116 14.42 -14.46 -7.83
C THR B 116 13.61 -15.72 -7.59
N LEU B 117 12.39 -15.76 -8.12
CA LEU B 117 11.49 -16.89 -7.85
C LEU B 117 12.02 -18.17 -8.44
N GLN B 118 12.89 -18.11 -9.46
CA GLN B 118 13.46 -19.39 -9.91
C GLN B 118 14.60 -19.89 -9.04
N GLN B 119 15.02 -19.13 -8.05
CA GLN B 119 16.18 -19.49 -7.26
C GLN B 119 15.85 -19.75 -5.80
N ILE B 120 14.61 -19.60 -5.39
CA ILE B 120 14.21 -19.91 -4.01
C ILE B 120 13.17 -21.02 -4.04
N GLU B 121 13.17 -21.83 -2.99
CA GLU B 121 12.23 -22.94 -2.89
C GLU B 121 10.85 -22.44 -2.44
N LEU B 122 9.85 -22.62 -3.29
CA LEU B 122 8.51 -22.10 -3.02
C LEU B 122 7.48 -23.00 -3.68
N LYS B 123 6.42 -23.33 -2.94
CA LYS B 123 5.29 -24.08 -3.52
C LYS B 123 4.07 -23.17 -3.51
N PHE B 124 3.55 -22.85 -4.70
CA PHE B 124 2.36 -22.04 -4.78
C PHE B 124 1.13 -22.89 -4.49
N ASN B 125 0.12 -22.25 -3.88
CA ASN B 125 -1.13 -22.94 -3.57
C ASN B 125 -2.11 -22.94 -4.75
N PRO B 126 -2.33 -21.85 -5.46
CA PRO B 126 -3.27 -21.91 -6.62
C PRO B 126 -2.71 -22.75 -7.75
N PRO B 127 -3.48 -23.72 -8.26
CA PRO B 127 -3.02 -24.47 -9.45
C PRO B 127 -2.59 -23.56 -10.60
N ALA B 128 -3.23 -22.40 -10.77
CA ALA B 128 -2.82 -21.47 -11.82
C ALA B 128 -1.36 -21.06 -11.69
N LEU B 129 -0.92 -20.76 -10.46
CA LEU B 129 0.46 -20.34 -10.24
C LEU B 129 1.41 -21.51 -10.37
N GLN B 130 1.04 -22.69 -9.85
CA GLN B 130 1.88 -23.87 -10.04
C GLN B 130 2.15 -24.14 -11.51
N ASP B 131 1.08 -24.13 -12.34
CA ASP B 131 1.25 -24.49 -13.74
C ASP B 131 2.05 -23.42 -14.46
N ALA B 132 1.67 -22.15 -14.25
CA ALA B 132 2.36 -21.08 -14.94
C ALA B 132 3.80 -20.96 -14.48
N TYR B 133 4.10 -21.29 -13.23
CA TYR B 133 5.49 -21.26 -12.78
C TYR B 133 6.31 -22.35 -13.46
N TYR B 134 5.79 -23.56 -13.53
CA TYR B 134 6.46 -24.62 -14.22
C TYR B 134 6.78 -24.21 -15.65
N ARG B 135 5.80 -23.63 -16.32
CA ARG B 135 6.00 -23.18 -17.70
C ARG B 135 6.99 -22.02 -17.81
N ALA B 136 7.04 -21.14 -16.81
CA ALA B 136 7.96 -20.04 -16.83
C ALA B 136 9.36 -20.50 -16.61
N ARG B 137 9.52 -21.43 -15.71
CA ARG B 137 10.85 -21.96 -15.47
C ARG B 137 11.38 -22.65 -16.71
N ALA B 138 10.49 -23.33 -17.46
CA ALA B 138 10.89 -23.99 -18.69
C ALA B 138 11.19 -23.02 -19.81
N GLY B 139 10.88 -21.74 -19.65
CA GLY B 139 11.17 -20.75 -20.68
C GLY B 139 9.97 -19.99 -21.22
N GLU B 140 8.71 -20.38 -20.98
CA GLU B 140 7.57 -19.63 -21.51
C GLU B 140 6.80 -18.95 -20.37
N ALA B 141 7.19 -17.71 -20.08
CA ALA B 141 6.81 -17.06 -18.84
C ALA B 141 5.67 -16.06 -18.98
N ALA B 142 5.05 -15.94 -20.16
CA ALA B 142 4.03 -14.91 -20.36
C ALA B 142 2.85 -15.10 -19.41
N ASN B 143 2.39 -16.35 -19.24
CA ASN B 143 1.27 -16.63 -18.33
C ASN B 143 1.63 -16.23 -16.91
N PHE B 144 2.78 -16.71 -16.42
CA PHE B 144 3.20 -16.39 -15.07
C PHE B 144 3.25 -14.89 -14.86
N CYS B 145 3.80 -14.13 -15.83
CA CYS B 145 3.93 -12.69 -15.63
C CYS B 145 2.57 -12.00 -15.60
N ALA B 146 1.66 -12.42 -16.48
CA ALA B 146 0.32 -11.85 -16.47
C ALA B 146 -0.38 -12.17 -15.15
N LEU B 147 -0.25 -13.41 -14.68
CA LEU B 147 -0.83 -13.79 -13.40
C LEU B 147 -0.28 -12.93 -12.28
N ILE B 148 1.03 -12.67 -12.29
CA ILE B 148 1.60 -11.86 -11.22
C ILE B 148 0.98 -10.47 -11.23
N LEU B 149 0.94 -9.83 -12.42
CA LEU B 149 0.27 -8.53 -12.53
C LEU B 149 -1.18 -8.61 -12.01
N ALA B 150 -1.88 -9.70 -12.29
CA ALA B 150 -3.27 -9.83 -11.88
C ALA B 150 -3.39 -9.96 -10.36
N TYR B 151 -2.65 -10.89 -9.77
CA TYR B 151 -2.65 -11.03 -8.32
C TYR B 151 -2.15 -9.78 -7.62
N CYS B 152 -1.32 -8.97 -8.27
CA CYS B 152 -0.84 -7.76 -7.63
C CYS B 152 -1.71 -6.54 -7.89
N ASN B 153 -2.76 -6.66 -8.70
CA ASN B 153 -3.54 -5.50 -9.12
C ASN B 153 -2.65 -4.45 -9.74
N LYS B 154 -1.82 -4.88 -10.67
CA LYS B 154 -0.98 -3.99 -11.43
C LYS B 154 -1.29 -4.20 -12.90
N THR B 155 -1.11 -3.16 -13.69
CA THR B 155 -1.30 -3.29 -15.13
C THR B 155 0.04 -3.14 -15.84
N VAL B 156 0.10 -3.65 -17.07
CA VAL B 156 1.31 -3.50 -17.88
C VAL B 156 1.67 -2.04 -18.06
N GLY B 157 2.95 -1.72 -17.87
CA GLY B 157 3.47 -0.37 -18.06
C GLY B 157 3.63 0.38 -16.77
N GLU B 158 3.03 -0.11 -15.72
CA GLU B 158 3.08 0.52 -14.41
C GLU B 158 4.41 0.17 -13.74
N LEU B 159 5.07 1.15 -13.11
CA LEU B 159 6.28 0.86 -12.35
C LEU B 159 5.90 0.07 -11.10
N GLY B 160 6.70 -0.95 -10.77
CA GLY B 160 6.40 -1.84 -9.66
C GLY B 160 7.50 -1.88 -8.61
N ASP B 161 7.17 -2.48 -7.46
CA ASP B 161 8.09 -2.67 -6.37
C ASP B 161 8.29 -4.16 -6.17
N VAL B 162 9.56 -4.58 -6.09
CA VAL B 162 9.82 -6.01 -5.94
C VAL B 162 9.35 -6.49 -4.56
N ARG B 163 9.63 -5.74 -3.50
CA ARG B 163 9.21 -6.21 -2.18
C ARG B 163 7.70 -6.38 -2.11
N GLU B 164 6.95 -5.43 -2.67
CA GLU B 164 5.50 -5.55 -2.67
C GLU B 164 5.05 -6.76 -3.48
N THR B 165 5.65 -6.95 -4.66
CA THR B 165 5.29 -8.08 -5.51
C THR B 165 5.52 -9.41 -4.79
N MET B 166 6.69 -9.55 -4.14
CA MET B 166 6.96 -10.80 -3.44
C MET B 166 6.02 -11.00 -2.26
N SER B 167 5.66 -9.93 -1.55
CA SER B 167 4.66 -10.07 -0.48
C SER B 167 3.35 -10.64 -1.02
N TYR B 168 2.83 -10.06 -2.11
CA TYR B 168 1.61 -10.60 -2.70
C TYR B 168 1.78 -12.06 -3.09
N LEU B 169 2.90 -12.42 -3.71
CA LEU B 169 3.02 -13.79 -4.18
C LEU B 169 3.20 -14.75 -3.02
N PHE B 170 3.91 -14.30 -1.97
CA PHE B 170 4.13 -15.15 -0.81
C PHE B 170 2.82 -15.44 -0.09
N GLN B 171 1.88 -14.48 -0.11
CA GLN B 171 0.55 -14.78 0.41
C GLN B 171 -0.08 -15.99 -0.27
N HIS B 172 0.34 -16.31 -1.50
CA HIS B 172 -0.28 -17.42 -2.23
C HIS B 172 0.60 -18.65 -2.24
N ALA B 173 1.55 -18.71 -1.31
CA ALA B 173 2.53 -19.77 -1.21
C ALA B 173 2.37 -20.49 0.12
N ASN B 174 2.76 -21.76 0.12
CA ASN B 174 2.61 -22.56 1.35
C ASN B 174 3.83 -22.32 2.21
N LEU B 175 3.77 -21.29 3.04
CA LEU B 175 4.82 -21.02 4.00
C LEU B 175 4.41 -21.39 5.42
N ASP B 176 3.37 -22.22 5.55
CA ASP B 176 2.76 -22.51 6.85
C ASP B 176 3.78 -22.98 7.88
N SER B 177 4.70 -23.85 7.48
CA SER B 177 5.70 -24.38 8.40
C SER B 177 6.96 -23.50 8.51
N CYS B 178 6.92 -22.24 8.06
CA CYS B 178 8.04 -21.32 8.27
C CYS B 178 7.91 -20.66 9.63
N LYS B 179 8.99 -20.67 10.40
CA LYS B 179 8.93 -20.18 11.77
C LYS B 179 10.12 -19.27 12.03
N ARG B 180 9.88 -18.15 12.70
CA ARG B 180 10.94 -17.24 13.10
C ARG B 180 10.75 -16.85 14.57
N VAL B 181 11.80 -16.95 15.38
CA VAL B 181 11.78 -16.51 16.77
C VAL B 181 12.81 -15.40 16.92
N LEU B 182 12.35 -14.28 17.47
CA LEU B 182 13.14 -13.09 17.68
C LEU B 182 13.16 -12.75 19.16
N ASN B 183 14.18 -12.02 19.56
CA ASN B 183 14.26 -11.50 20.92
C ASN B 183 14.61 -10.02 20.86
N VAL B 184 13.88 -9.22 21.64
CA VAL B 184 14.14 -7.79 21.77
C VAL B 184 14.60 -7.51 23.20
N VAL B 185 15.69 -6.77 23.35
CA VAL B 185 16.34 -6.49 24.64
C VAL B 185 16.39 -4.96 24.81
N CYS B 186 15.65 -4.45 25.80
CA CYS B 186 15.64 -3.03 26.18
C CYS B 186 16.29 -2.93 27.56
N LYS B 187 17.18 -1.98 27.73
CA LYS B 187 17.89 -1.82 28.98
C LYS B 187 16.96 -1.59 30.14
N THR B 188 15.81 -1.04 29.86
CA THR B 188 14.84 -0.76 30.84
C THR B 188 13.69 -1.74 30.86
N CYS B 189 13.13 -2.06 29.72
CA CYS B 189 12.00 -2.93 29.74
C CYS B 189 12.32 -4.38 29.93
N GLY B 190 13.57 -4.79 29.85
CA GLY B 190 13.90 -6.23 29.88
C GLY B 190 13.88 -6.86 28.48
N GLN B 191 13.69 -8.18 28.44
CA GLN B 191 13.69 -8.95 27.20
C GLN B 191 12.30 -9.47 26.86
N GLN B 192 12.02 -9.57 25.57
CA GLN B 192 10.72 -10.05 25.12
C GLN B 192 10.91 -10.82 23.81
N GLN B 193 10.52 -12.08 23.86
CA GLN B 193 10.55 -12.97 22.72
C GLN B 193 9.27 -12.84 21.89
N THR B 194 9.41 -12.98 20.57
CA THR B 194 8.26 -13.02 19.65
C THR B 194 8.44 -14.14 18.65
N THR B 195 7.35 -14.86 18.36
CA THR B 195 7.35 -15.90 17.34
C THR B 195 6.45 -15.49 16.19
N LEU B 196 7.00 -15.56 14.97
CA LEU B 196 6.29 -15.27 13.72
C LEU B 196 6.20 -16.54 12.89
N LYS B 197 5.12 -16.63 12.09
CA LYS B 197 4.89 -17.78 11.22
C LYS B 197 4.55 -17.29 9.81
N GLY B 198 4.73 -18.15 8.82
CA GLY B 198 4.33 -17.81 7.46
C GLY B 198 5.15 -16.67 6.84
N VAL B 199 4.44 -15.77 6.16
CA VAL B 199 5.11 -14.72 5.41
C VAL B 199 5.98 -13.87 6.33
N GLU B 200 5.47 -13.55 7.51
CA GLU B 200 6.24 -12.73 8.43
C GLU B 200 7.47 -13.45 8.96
N ALA B 201 7.51 -14.78 8.85
CA ALA B 201 8.72 -15.49 9.24
C ALA B 201 9.85 -15.39 8.20
N VAL B 202 9.55 -15.02 6.96
CA VAL B 202 10.61 -15.00 5.94
C VAL B 202 10.93 -13.61 5.41
N MET B 203 10.15 -12.61 5.75
CA MET B 203 10.37 -11.25 5.26
C MET B 203 10.77 -10.35 6.42
N TYR B 204 11.77 -9.50 6.20
CA TYR B 204 12.17 -8.50 7.18
C TYR B 204 12.46 -7.19 6.48
N MET B 205 12.08 -6.08 7.11
CA MET B 205 12.33 -4.76 6.53
C MET B 205 13.20 -3.96 7.48
N GLY B 206 14.34 -3.50 7.01
CA GLY B 206 15.13 -2.56 7.78
C GLY B 206 16.62 -2.80 7.70
N THR B 207 17.02 -4.02 7.33
CA THR B 207 18.44 -4.29 7.10
C THR B 207 18.58 -5.35 6.04
N LEU B 208 19.65 -5.24 5.26
CA LEU B 208 19.92 -6.21 4.20
C LEU B 208 20.74 -7.40 4.68
N SER B 209 21.51 -7.26 5.76
CA SER B 209 22.47 -8.27 6.18
C SER B 209 21.81 -9.30 7.09
N TYR B 210 21.77 -10.54 6.62
CA TYR B 210 21.32 -11.63 7.48
C TYR B 210 22.26 -11.82 8.67
N GLU B 211 23.57 -11.66 8.46
CA GLU B 211 24.53 -11.81 9.56
C GLU B 211 24.32 -10.75 10.63
N GLN B 212 24.02 -9.50 10.23
CA GLN B 212 23.73 -8.47 11.22
C GLN B 212 22.44 -8.79 11.99
N PHE B 213 21.42 -9.26 11.27
CA PHE B 213 20.18 -9.68 11.91
C PHE B 213 20.46 -10.72 12.99
N LYS B 214 21.42 -11.61 12.73
CA LYS B 214 21.78 -12.61 13.73
C LYS B 214 22.53 -11.96 14.89
N LYS B 215 23.32 -10.94 14.62
CA LYS B 215 24.11 -10.39 15.71
C LYS B 215 23.30 -9.41 16.55
N GLY B 216 22.32 -8.73 15.95
CA GLY B 216 21.59 -7.70 16.64
C GLY B 216 21.46 -6.41 15.85
N VAL B 217 20.26 -5.88 15.72
CA VAL B 217 20.06 -4.58 15.07
C VAL B 217 19.39 -3.66 16.08
N GLN B 218 19.71 -2.37 16.00
CA GLN B 218 19.11 -1.40 16.91
C GLN B 218 17.75 -0.97 16.36
N ILE B 219 16.71 -1.14 17.16
CA ILE B 219 15.36 -0.76 16.76
C ILE B 219 14.73 0.01 17.91
N PRO B 220 13.64 0.72 17.64
CA PRO B 220 12.86 1.32 18.74
C PRO B 220 12.17 0.25 19.57
N CYS B 221 12.35 0.32 20.89
CA CYS B 221 11.53 -0.47 21.81
C CYS B 221 10.06 -0.04 21.68
N THR B 222 9.16 -0.87 22.24
CA THR B 222 7.77 -0.42 22.38
C THR B 222 7.65 0.80 23.30
N CYS B 223 8.56 0.94 24.27
CA CYS B 223 8.59 2.16 25.10
C CYS B 223 9.15 3.36 24.34
N GLY B 224 9.84 3.15 23.22
CA GLY B 224 10.40 4.24 22.44
C GLY B 224 11.92 4.34 22.49
N LYS B 225 12.58 3.74 23.48
CA LYS B 225 14.03 3.79 23.51
C LYS B 225 14.63 2.83 22.48
N GLN B 226 15.94 2.97 22.24
CA GLN B 226 16.66 1.98 21.42
C GLN B 226 16.92 0.70 22.17
N ALA B 227 16.43 -0.39 21.59
CA ALA B 227 16.61 -1.75 22.03
C ALA B 227 17.37 -2.51 20.94
N THR B 228 17.73 -3.74 21.24
CA THR B 228 18.46 -4.60 20.32
C THR B 228 17.57 -5.78 19.96
N LYS B 229 17.37 -6.02 18.68
CA LYS B 229 16.57 -7.14 18.21
C LYS B 229 17.51 -8.13 17.53
N TYR B 230 17.38 -9.43 17.84
CA TYR B 230 18.21 -10.39 17.12
C TYR B 230 17.45 -11.68 16.89
N LEU B 231 17.93 -12.44 15.90
CA LEU B 231 17.30 -13.67 15.48
C LEU B 231 17.66 -14.79 16.44
N VAL B 232 16.65 -15.41 17.04
CA VAL B 232 16.90 -16.53 17.96
C VAL B 232 16.83 -17.85 17.22
N GLN B 233 15.85 -17.98 16.33
CA GLN B 233 15.65 -19.26 15.65
C GLN B 233 14.96 -19.02 14.33
N GLN B 234 15.40 -19.72 13.29
CA GLN B 234 14.82 -19.61 11.96
C GLN B 234 14.61 -21.00 11.38
N GLU B 235 13.42 -21.26 10.84
CA GLU B 235 13.14 -22.51 10.15
C GLU B 235 12.40 -22.13 8.87
N SER B 236 13.12 -22.13 7.76
CA SER B 236 12.54 -21.83 6.47
C SER B 236 13.60 -22.14 5.40
N PRO B 237 13.17 -22.32 4.14
CA PRO B 237 14.16 -22.64 3.09
C PRO B 237 14.88 -21.41 2.52
N PHE B 238 14.38 -20.20 2.80
CA PHE B 238 15.07 -18.97 2.43
C PHE B 238 14.61 -17.89 3.40
N VAL B 239 15.32 -16.76 3.39
CA VAL B 239 14.84 -15.53 4.02
C VAL B 239 15.07 -14.39 3.03
N MET B 240 14.23 -13.35 3.14
CA MET B 240 14.32 -12.15 2.33
C MET B 240 14.53 -10.97 3.26
N MET B 241 15.66 -10.29 3.11
CA MET B 241 15.98 -9.09 3.88
C MET B 241 15.85 -7.89 2.98
N SER B 242 15.11 -6.88 3.41
CA SER B 242 14.89 -5.69 2.59
C SER B 242 15.25 -4.47 3.39
N ALA B 243 15.42 -3.36 2.68
CA ALA B 243 15.69 -2.07 3.26
C ALA B 243 15.52 -1.01 2.17
N PRO B 244 15.32 0.25 2.53
CA PRO B 244 15.27 1.31 1.50
C PRO B 244 16.58 1.35 0.72
N PRO B 245 16.52 1.53 -0.60
CA PRO B 245 17.71 1.40 -1.45
C PRO B 245 18.89 2.18 -0.91
N ALA B 246 20.05 1.54 -0.84
CA ALA B 246 21.21 2.31 -0.40
C ALA B 246 22.48 1.62 -0.87
N GLN B 247 23.56 2.39 -0.94
CA GLN B 247 24.82 1.82 -1.38
C GLN B 247 25.18 0.65 -0.48
N TYR B 248 25.44 -0.50 -1.08
CA TYR B 248 25.68 -1.73 -0.35
C TYR B 248 26.55 -2.63 -1.22
N GLU B 249 27.48 -3.32 -0.58
CA GLU B 249 28.41 -4.21 -1.26
C GLU B 249 27.93 -5.64 -1.12
N LEU B 250 27.76 -6.34 -2.23
CA LEU B 250 27.39 -7.74 -2.18
C LEU B 250 28.64 -8.61 -2.32
N LYS B 251 28.80 -9.55 -1.42
CA LYS B 251 29.93 -10.43 -1.46
C LYS B 251 29.59 -11.77 -2.03
N HIS B 252 30.41 -12.23 -2.92
CA HIS B 252 30.25 -13.47 -3.58
C HIS B 252 30.21 -14.61 -2.58
N GLY B 253 29.26 -15.51 -2.73
CA GLY B 253 29.11 -16.61 -1.83
C GLY B 253 28.37 -16.40 -0.53
N THR B 254 27.98 -15.18 -0.20
CA THR B 254 27.30 -14.92 1.07
C THR B 254 25.80 -14.74 0.96
N PHE B 255 25.21 -14.90 -0.23
CA PHE B 255 23.81 -14.61 -0.47
C PHE B 255 23.40 -15.38 -1.73
N THR B 256 22.11 -15.57 -1.92
CA THR B 256 21.63 -16.26 -3.11
C THR B 256 21.45 -15.26 -4.25
N CYS B 257 20.66 -14.21 -4.02
CA CYS B 257 20.43 -13.21 -5.06
C CYS B 257 19.90 -11.95 -4.41
N ALA B 258 19.80 -10.90 -5.23
CA ALA B 258 19.53 -9.56 -4.73
C ALA B 258 18.89 -8.71 -5.83
N SER B 259 18.20 -7.67 -5.40
CA SER B 259 17.60 -6.68 -6.29
C SER B 259 18.25 -5.34 -6.03
N GLU B 260 18.63 -4.66 -7.11
CA GLU B 260 19.17 -3.32 -7.07
C GLU B 260 18.16 -2.36 -7.69
N TYR B 261 18.01 -1.16 -7.12
CA TYR B 261 17.07 -0.18 -7.69
C TYR B 261 17.73 1.18 -7.85
N THR B 262 17.68 1.70 -9.04
CA THR B 262 18.22 2.98 -9.32
C THR B 262 17.08 3.90 -9.69
N GLY B 263 17.04 5.10 -9.14
CA GLY B 263 15.96 6.01 -9.42
C GLY B 263 14.97 6.30 -8.31
N ASN B 264 13.77 6.72 -8.67
CA ASN B 264 12.69 7.01 -7.74
C ASN B 264 11.41 6.38 -8.20
N TYR B 265 10.28 6.69 -7.60
CA TYR B 265 9.03 6.14 -8.09
C TYR B 265 8.45 6.62 -9.38
N GLN B 266 8.74 7.83 -9.82
CA GLN B 266 8.22 8.22 -11.10
C GLN B 266 9.03 7.56 -12.21
N CYS B 267 10.32 7.49 -12.08
CA CYS B 267 11.12 6.80 -13.07
C CYS B 267 12.23 6.01 -12.42
N GLY B 268 12.32 4.74 -12.74
CA GLY B 268 13.34 3.90 -12.18
C GLY B 268 13.59 2.56 -12.80
N HIS B 269 14.61 1.89 -12.32
CA HIS B 269 14.98 0.61 -12.89
C HIS B 269 15.58 -0.42 -11.92
N TYR B 270 15.09 -1.64 -11.92
CA TYR B 270 15.66 -2.74 -11.14
C TYR B 270 16.67 -3.51 -11.97
N LYS B 271 17.70 -4.01 -11.30
CA LYS B 271 18.57 -5.07 -11.85
C LYS B 271 18.63 -6.21 -10.85
N HIS B 272 18.96 -7.40 -11.33
CA HIS B 272 19.05 -8.59 -10.50
C HIS B 272 20.51 -8.98 -10.39
N ILE B 273 20.95 -9.36 -9.22
CA ILE B 273 22.30 -9.81 -9.03
C ILE B 273 22.30 -11.17 -8.37
N THR B 274 22.95 -12.13 -8.95
CA THR B 274 22.98 -13.44 -8.39
C THR B 274 24.39 -13.93 -8.19
N SER B 275 24.63 -14.67 -7.13
CA SER B 275 25.95 -15.16 -6.84
C SER B 275 26.18 -16.60 -7.20
N LYS B 276 26.97 -16.85 -8.21
CA LYS B 276 27.29 -18.19 -8.62
C LYS B 276 28.78 -18.37 -8.52
N GLU B 277 29.42 -18.73 -9.62
CA GLU B 277 30.86 -18.82 -9.75
C GLU B 277 31.52 -17.46 -9.76
N THR B 278 30.76 -16.48 -10.17
CA THR B 278 31.07 -15.12 -10.15
C THR B 278 29.75 -14.35 -9.89
N LEU B 279 29.79 -13.06 -9.73
CA LEU B 279 28.58 -12.31 -9.56
C LEU B 279 27.98 -11.98 -10.90
N TYR B 280 26.76 -12.38 -11.10
CA TYR B 280 26.10 -12.15 -12.31
C TYR B 280 25.06 -11.05 -12.14
N CYS B 281 25.19 -10.01 -12.91
CA CYS B 281 24.23 -8.98 -12.91
C CYS B 281 23.38 -9.14 -14.12
N ILE B 282 22.18 -9.62 -13.93
CA ILE B 282 21.21 -9.83 -15.00
C ILE B 282 20.28 -8.62 -15.03
N ASP B 283 20.26 -7.93 -16.16
CA ASP B 283 19.54 -6.69 -16.37
C ASP B 283 18.66 -6.93 -17.59
N GLY B 284 17.53 -7.58 -17.38
CA GLY B 284 16.68 -8.01 -18.45
C GLY B 284 17.34 -9.04 -19.34
N ALA B 285 17.65 -8.67 -20.58
CA ALA B 285 18.41 -9.54 -21.46
C ALA B 285 19.92 -9.33 -21.33
N LEU B 286 20.36 -8.35 -20.56
CA LEU B 286 21.77 -7.98 -20.58
C LEU B 286 22.44 -8.70 -19.42
N LEU B 287 23.59 -9.33 -19.64
CA LEU B 287 24.31 -10.04 -18.57
C LEU B 287 25.69 -9.44 -18.40
N THR B 288 26.06 -9.14 -17.18
CA THR B 288 27.40 -8.67 -16.87
C THR B 288 27.94 -9.50 -15.72
N LYS B 289 29.20 -9.90 -15.80
CA LYS B 289 29.85 -10.65 -14.74
C LYS B 289 30.82 -9.75 -14.00
N SER B 290 30.97 -9.96 -12.71
CA SER B 290 31.99 -9.21 -11.99
C SER B 290 32.36 -9.93 -10.70
N SER B 291 33.55 -9.61 -10.21
CA SER B 291 34.05 -10.23 -9.00
C SER B 291 33.66 -9.47 -7.74
N GLU B 292 33.35 -8.17 -7.86
CA GLU B 292 32.77 -7.36 -6.80
C GLU B 292 31.53 -6.67 -7.34
N TYR B 293 30.67 -6.21 -6.43
CA TYR B 293 29.46 -5.51 -6.83
C TYR B 293 29.04 -4.60 -5.70
N LYS B 294 28.93 -3.31 -5.99
CA LYS B 294 28.42 -2.33 -5.06
C LYS B 294 27.34 -1.54 -5.79
N GLY B 295 26.19 -1.36 -5.14
CA GLY B 295 25.09 -0.67 -5.80
C GLY B 295 23.99 -0.31 -4.81
N PRO B 296 22.93 0.37 -5.30
CA PRO B 296 21.76 0.70 -4.45
C PRO B 296 20.84 -0.51 -4.24
N ILE B 297 21.23 -1.32 -3.29
CA ILE B 297 20.59 -2.62 -3.08
C ILE B 297 19.37 -2.41 -2.22
N THR B 298 18.31 -3.14 -2.54
CA THR B 298 17.08 -3.00 -1.76
C THR B 298 16.50 -4.31 -1.23
N ASP B 299 16.80 -5.47 -1.84
CA ASP B 299 16.38 -6.77 -1.30
C ASP B 299 17.51 -7.76 -1.50
N VAL B 300 17.77 -8.59 -0.48
CA VAL B 300 18.73 -9.69 -0.58
C VAL B 300 18.05 -10.97 -0.11
N PHE B 301 18.22 -12.04 -0.88
CA PHE B 301 17.67 -13.33 -0.51
C PHE B 301 18.79 -14.27 -0.10
N TYR B 302 18.53 -15.04 0.95
CA TYR B 302 19.52 -15.97 1.49
C TYR B 302 18.91 -17.35 1.61
N LYS B 303 19.70 -18.37 1.42
CA LYS B 303 19.25 -19.72 1.58
C LYS B 303 19.27 -20.15 3.04
N GLU B 304 18.38 -21.04 3.47
CA GLU B 304 18.33 -21.43 4.88
C GLU B 304 17.56 -22.73 5.09
N ASN B 305 17.84 -23.47 6.14
CA ASN B 305 17.02 -24.60 6.54
C ASN B 305 16.61 -24.46 7.99
N SER B 306 17.59 -24.43 8.86
CA SER B 306 17.38 -24.32 10.27
C SER B 306 18.53 -23.59 10.93
N TYR B 307 18.27 -22.56 11.71
CA TYR B 307 19.29 -21.79 12.41
C TYR B 307 18.86 -21.59 13.86
N THR B 308 19.82 -21.73 14.77
CA THR B 308 19.59 -21.45 16.19
C THR B 308 20.74 -20.58 16.70
N THR B 309 20.39 -19.52 17.43
CA THR B 309 21.40 -18.62 17.95
C THR B 309 22.28 -19.32 18.97
N THR B 310 23.49 -18.81 19.14
CA THR B 310 24.30 -19.14 20.32
C THR B 310 24.32 -18.01 21.34
N ILE B 311 23.64 -16.88 21.08
CA ILE B 311 23.58 -15.80 22.05
C ILE B 311 22.82 -16.25 23.29
N LYS B 312 23.43 -16.01 24.46
CA LYS B 312 22.91 -16.40 25.79
C LYS B 312 22.75 -17.90 25.89
#